data_2K95
#
_entry.id   2K95
#
_entity_poly.entity_id   1
_entity_poly.type   'polyribonucleotide'
_entity_poly.pdbx_seq_one_letter_code
;GGGCUGUUUUUCUCGCUGACUUUCAGCCCCAAACAAAAAAUGUCAGCA
;
_entity_poly.pdbx_strand_id   A
#